data_5CTS
#
_entry.id   5CTS
#
_cell.length_a   104.000
_cell.length_b   78.100
_cell.length_c   58.300
_cell.angle_alpha   90.00
_cell.angle_beta   78.90
_cell.angle_gamma   90.00
#
_symmetry.space_group_name_H-M   'C 1 2 1'
#
loop_
_entity.id
_entity.type
_entity.pdbx_description
1 polymer 'CITRATE SYNTHASE'
2 non-polymer 'OXALOACETATE ION'
3 non-polymer 'CARBOXYMETHYL COENZYME *A'
4 water water
#
_entity_poly.entity_id   1
_entity_poly.type   'polypeptide(L)'
_entity_poly.pdbx_seq_one_letter_code
;ASSTNLKDVLAALIPKEQARIKTFRQQHGGTALGQITVDMSYGGMRGMKGLVYETSVLDPDEGIRFRGFSIPECQKLLPK
GG(UNK)GGEPLPEGLFWLLVTGQIPTGAQVSWLSKEWAKRAALPSHVVTMLDNFPTNLHPMSQLSAAITALNSESNFAR
AYAEGILRTKYWEMVYESAMDLIAKLPCVAAKIYRNLYRAGSSIGAIDSKLDWSHNFTNMLGYTDAQFTELMRLYLTIHS
DHEGGNVSAHTSHLVGSALSDPYLSFAAAMNGLAGPLHGLANQEVLGWLAQLQKA(UNK)(UNK)(UNK)AGADASLRDY
IWNTLNSGRVVPGYGHAVLRKTDPRYTCQREFALKHLPGDPMFKLVAQLYKIVPNVLLEQGAAANPWPNVDAHSGVLLQY
YGMTEMNYYTVLFGVSRALGVLAQLIWSRALGFPLERPKSMSTDGLIAL
;
_entity_poly.pdbx_strand_id   A
#
loop_
_chem_comp.id
_chem_comp.type
_chem_comp.name
_chem_comp.formula
CMC non-polymer 'CARBOXYMETHYL COENZYME *A' 'C23 H38 N7 O18 P3 S'
OAA non-polymer 'OXALOACETATE ION' 'C4 H3 O5 -1'
#
# COMPACT_ATOMS: atom_id res chain seq x y z
N ALA A 1 34.53 -6.34 12.19
CA ALA A 1 34.63 -4.99 11.65
C ALA A 1 33.30 -4.52 11.11
N SER A 2 33.30 -3.23 10.78
CA SER A 2 32.25 -2.47 10.11
C SER A 2 30.93 -2.16 10.82
N SER A 3 30.04 -1.48 10.02
CA SER A 3 28.73 -0.85 10.32
C SER A 3 27.47 -1.39 9.55
N THR A 4 26.32 -0.66 9.41
CA THR A 4 25.01 -1.14 8.83
C THR A 4 24.84 -1.20 7.30
N ASN A 5 24.32 -2.33 6.78
CA ASN A 5 24.02 -2.47 5.34
C ASN A 5 23.03 -3.57 5.05
N LEU A 6 21.80 -3.16 4.79
CA LEU A 6 20.71 -4.07 4.43
C LEU A 6 21.13 -5.09 3.38
N LYS A 7 21.79 -4.65 2.30
CA LYS A 7 22.20 -5.54 1.22
C LYS A 7 23.08 -6.70 1.68
N ASP A 8 23.95 -6.45 2.66
CA ASP A 8 24.84 -7.48 3.18
C ASP A 8 24.06 -8.50 3.98
N VAL A 9 23.08 -7.98 4.68
CA VAL A 9 22.24 -8.85 5.47
C VAL A 9 21.51 -9.79 4.53
N LEU A 10 20.89 -9.20 3.53
CA LEU A 10 20.19 -9.93 2.50
C LEU A 10 21.04 -11.02 1.87
N ALA A 11 22.29 -10.68 1.51
CA ALA A 11 23.28 -11.59 0.94
C ALA A 11 23.46 -12.82 1.82
N ALA A 12 23.36 -12.60 3.11
CA ALA A 12 23.52 -13.70 4.03
C ALA A 12 22.30 -14.64 4.09
N LEU A 13 21.11 -14.00 4.13
CA LEU A 13 19.71 -14.48 4.22
C LEU A 13 19.26 -15.28 2.93
N ILE A 14 19.45 -14.75 1.69
CA ILE A 14 19.04 -15.37 0.40
C ILE A 14 19.37 -16.87 0.21
N PRO A 15 20.64 -17.26 0.36
CA PRO A 15 21.00 -18.66 0.19
C PRO A 15 20.30 -19.58 1.15
N LYS A 16 20.11 -19.13 2.39
CA LYS A 16 19.48 -19.99 3.36
C LYS A 16 18.04 -20.32 2.93
N GLU A 17 17.32 -19.28 2.56
CA GLU A 17 15.95 -19.40 2.16
C GLU A 17 15.80 -20.25 0.92
N GLN A 18 16.72 -20.01 0.02
CA GLN A 18 16.81 -20.70 -1.25
C GLN A 18 16.83 -22.19 -0.99
N ALA A 19 17.70 -22.53 -0.05
CA ALA A 19 17.97 -23.88 0.38
C ALA A 19 16.73 -24.50 1.01
N ARG A 20 16.12 -23.68 1.85
CA ARG A 20 14.96 -24.02 2.62
C ARG A 20 13.70 -24.31 1.78
N ILE A 21 13.48 -23.49 0.75
CA ILE A 21 12.39 -23.67 -0.21
C ILE A 21 12.68 -24.86 -1.12
N LYS A 22 13.96 -25.12 -1.44
CA LYS A 22 14.25 -26.29 -2.27
C LYS A 22 13.90 -27.62 -1.66
N THR A 23 14.40 -27.89 -0.47
CA THR A 23 14.02 -29.14 0.16
C THR A 23 12.52 -29.29 0.35
N PHE A 24 11.87 -28.19 0.68
CA PHE A 24 10.45 -28.24 1.01
C PHE A 24 9.72 -28.70 -0.19
N ARG A 25 10.17 -28.14 -1.27
CA ARG A 25 9.55 -28.46 -2.51
C ARG A 25 9.89 -29.88 -2.90
N GLN A 26 11.15 -30.29 -2.66
CA GLN A 26 11.56 -31.63 -3.00
C GLN A 26 10.70 -32.65 -2.30
N GLN A 27 10.25 -32.30 -1.14
CA GLN A 27 9.39 -33.23 -0.49
C GLN A 27 7.91 -33.07 -0.75
N HIS A 28 7.46 -31.82 -0.94
CA HIS A 28 6.02 -31.50 -0.96
C HIS A 28 5.45 -30.83 -2.21
N GLY A 29 6.28 -30.55 -3.22
CA GLY A 29 5.77 -29.89 -4.42
C GLY A 29 4.51 -30.52 -5.03
N GLY A 30 4.36 -31.84 -4.82
CA GLY A 30 3.28 -32.67 -5.38
C GLY A 30 1.98 -32.58 -4.61
N THR A 31 2.13 -32.10 -3.39
CA THR A 31 1.04 -31.93 -2.45
C THR A 31 -0.02 -30.95 -2.89
N ALA A 32 -1.25 -31.48 -2.88
CA ALA A 32 -2.45 -30.75 -3.19
C ALA A 32 -2.80 -29.92 -1.97
N LEU A 33 -2.82 -28.61 -2.20
CA LEU A 33 -3.06 -27.57 -1.22
C LEU A 33 -4.51 -27.12 -1.33
N GLY A 34 -5.15 -27.49 -2.42
CA GLY A 34 -6.51 -27.08 -2.61
C GLY A 34 -7.04 -27.48 -3.97
N GLN A 35 -8.32 -27.20 -4.19
CA GLN A 35 -9.01 -27.44 -5.44
C GLN A 35 -9.55 -26.14 -6.02
N ILE A 36 -9.83 -26.20 -7.31
CA ILE A 36 -10.35 -25.07 -8.06
C ILE A 36 -11.75 -25.43 -8.53
N THR A 37 -12.71 -24.56 -8.24
CA THR A 37 -14.07 -24.78 -8.70
C THR A 37 -14.43 -23.75 -9.76
N VAL A 38 -15.58 -24.01 -10.41
CA VAL A 38 -16.15 -23.17 -11.45
C VAL A 38 -16.47 -21.78 -10.90
N ASP A 39 -17.14 -21.75 -9.77
CA ASP A 39 -17.41 -20.48 -9.13
C ASP A 39 -16.19 -19.66 -8.80
N MET A 40 -15.08 -20.34 -8.46
CA MET A 40 -13.84 -19.68 -8.16
C MET A 40 -13.29 -19.00 -9.39
N SER A 41 -13.49 -19.66 -10.52
CA SER A 41 -12.99 -19.12 -11.77
C SER A 41 -13.74 -17.87 -12.21
N TYR A 42 -15.05 -17.90 -12.02
CA TYR A 42 -15.95 -16.82 -12.37
C TYR A 42 -15.93 -15.72 -11.32
N GLY A 43 -15.47 -16.15 -10.14
CA GLY A 43 -15.47 -15.38 -8.91
C GLY A 43 -14.21 -14.60 -8.58
N GLY A 44 -13.34 -14.35 -9.54
CA GLY A 44 -12.16 -13.57 -9.22
C GLY A 44 -11.14 -14.30 -8.36
N MET A 45 -11.01 -15.61 -8.54
CA MET A 45 -10.07 -16.40 -7.75
C MET A 45 -10.43 -16.37 -6.27
N ARG A 46 -11.67 -16.05 -5.97
CA ARG A 46 -12.05 -15.91 -4.58
C ARG A 46 -11.85 -17.25 -3.88
N GLY A 47 -11.00 -17.23 -2.88
CA GLY A 47 -10.79 -18.43 -2.13
C GLY A 47 -9.70 -19.31 -2.69
N MET A 48 -9.07 -18.95 -3.81
CA MET A 48 -7.99 -19.74 -4.37
C MET A 48 -6.65 -19.36 -3.78
N LYS A 49 -5.86 -20.36 -3.35
CA LYS A 49 -4.47 -20.25 -2.87
C LYS A 49 -3.60 -20.21 -4.11
N GLY A 50 -3.24 -18.99 -4.51
CA GLY A 50 -2.61 -18.83 -5.81
C GLY A 50 -1.15 -18.41 -5.86
N LEU A 51 -0.65 -17.78 -4.80
CA LEU A 51 0.66 -17.14 -4.81
C LEU A 51 1.44 -17.38 -3.57
N VAL A 52 2.77 -17.31 -3.67
CA VAL A 52 3.57 -17.23 -2.47
C VAL A 52 4.04 -15.80 -2.37
N TYR A 53 3.86 -15.25 -1.20
CA TYR A 53 4.21 -13.87 -0.98
C TYR A 53 4.67 -13.81 0.45
N GLU A 54 5.92 -13.46 0.67
CA GLU A 54 6.39 -13.68 2.00
C GLU A 54 6.30 -12.59 3.01
N THR A 55 6.19 -11.38 2.56
CA THR A 55 6.27 -10.31 3.51
C THR A 55 5.13 -10.21 4.49
N SER A 56 3.93 -10.56 4.08
CA SER A 56 2.83 -10.45 5.01
C SER A 56 1.75 -11.45 4.70
N VAL A 57 1.02 -11.84 5.74
CA VAL A 57 -0.06 -12.77 5.58
C VAL A 57 -1.33 -12.29 6.21
N LEU A 58 -2.44 -12.40 5.48
CA LEU A 58 -3.73 -11.94 6.00
C LEU A 58 -4.57 -13.09 6.51
N ASP A 59 -4.92 -12.96 7.78
CA ASP A 59 -5.85 -13.85 8.40
C ASP A 59 -7.24 -13.22 8.32
N PRO A 60 -8.22 -13.96 7.82
CA PRO A 60 -9.60 -13.54 7.64
C PRO A 60 -10.30 -13.02 8.89
N ASP A 61 -9.89 -13.56 10.03
CA ASP A 61 -10.43 -13.14 11.31
C ASP A 61 -9.53 -12.19 12.02
N GLU A 62 -8.26 -12.53 12.15
CA GLU A 62 -7.38 -11.67 12.90
C GLU A 62 -6.91 -10.46 12.09
N GLY A 63 -6.79 -10.62 10.78
CA GLY A 63 -6.29 -9.52 9.97
C GLY A 63 -4.79 -9.64 9.66
N ILE A 64 -4.18 -8.56 9.16
CA ILE A 64 -2.80 -8.57 8.65
C ILE A 64 -1.69 -8.85 9.68
N ARG A 65 -0.66 -9.63 9.28
CA ARG A 65 0.59 -9.86 10.00
C ARG A 65 1.77 -9.63 9.08
N PHE A 66 2.67 -8.82 9.63
CA PHE A 66 3.96 -8.44 9.12
C PHE A 66 5.02 -9.53 9.30
N ARG A 67 5.58 -9.89 10.45
CA ARG A 67 6.22 -11.22 10.31
C ARG A 67 5.02 -12.07 10.44
N GLY A 68 4.92 -12.32 11.72
CA GLY A 68 3.78 -12.84 12.35
C GLY A 68 3.44 -11.72 13.29
N PHE A 69 3.88 -10.49 12.92
CA PHE A 69 3.63 -9.31 13.75
C PHE A 69 2.35 -8.55 13.42
N SER A 70 1.45 -8.49 14.38
CA SER A 70 0.24 -7.74 14.17
C SER A 70 0.53 -6.27 14.30
N ILE A 71 -0.45 -5.51 13.90
CA ILE A 71 -0.39 -4.09 14.00
C ILE A 71 -0.11 -3.59 15.39
N PRO A 72 -0.91 -4.04 16.37
CA PRO A 72 -0.60 -3.66 17.72
C PRO A 72 0.82 -4.11 18.11
N GLU A 73 1.29 -5.28 17.67
CA GLU A 73 2.67 -5.63 18.00
C GLU A 73 3.70 -4.70 17.36
N CYS A 74 3.41 -4.28 16.14
CA CYS A 74 4.27 -3.36 15.42
C CYS A 74 4.40 -2.05 16.16
N GLN A 75 3.23 -1.58 16.53
CA GLN A 75 3.08 -0.37 17.26
C GLN A 75 3.96 -0.37 18.51
N LYS A 76 4.10 -1.52 19.16
CA LYS A 76 4.96 -1.45 20.33
C LYS A 76 6.42 -1.73 20.06
N LEU A 77 6.70 -2.51 19.02
CA LEU A 77 8.02 -3.07 18.77
C LEU A 77 8.95 -2.29 17.85
N LEU A 78 8.35 -1.57 16.91
CA LEU A 78 9.09 -0.79 15.92
C LEU A 78 9.56 0.54 16.49
N PRO A 79 10.81 0.94 16.19
CA PRO A 79 11.29 2.23 16.64
C PRO A 79 10.44 3.39 16.17
N LYS A 80 10.37 4.41 17.05
CA LYS A 80 9.62 5.65 16.89
C LYS A 80 10.60 6.80 16.71
N GLY A 81 10.10 7.92 16.19
CA GLY A 81 10.90 9.11 15.94
C GLY A 81 11.47 9.74 17.20
N GLY A 82 10.85 9.50 18.35
CA GLY A 82 11.38 10.21 19.51
C GLY A 82 11.02 9.56 20.83
N GLY A 84 6.55 11.03 18.53
CA GLY A 84 7.32 10.09 19.32
C GLY A 84 6.53 8.87 19.79
N GLY A 85 5.38 8.59 19.19
CA GLY A 85 4.60 7.44 19.62
C GLY A 85 4.30 6.51 18.47
N GLU A 86 4.40 7.02 17.25
CA GLU A 86 4.13 6.11 16.16
C GLU A 86 5.32 5.46 15.52
N PRO A 87 5.10 4.25 14.99
CA PRO A 87 6.17 3.50 14.36
C PRO A 87 6.61 4.14 13.03
N LEU A 88 7.92 4.15 12.82
CA LEU A 88 8.60 4.68 11.63
C LEU A 88 8.45 3.66 10.51
N PRO A 89 7.99 4.09 9.35
CA PRO A 89 7.80 3.16 8.25
C PRO A 89 9.15 2.58 7.83
N GLU A 90 10.23 3.30 8.07
CA GLU A 90 11.58 2.78 7.87
C GLU A 90 11.76 1.40 8.52
N GLY A 91 11.36 1.28 9.79
CA GLY A 91 11.50 0.05 10.58
C GLY A 91 10.63 -1.08 10.05
N LEU A 92 9.44 -0.70 9.63
CA LEU A 92 8.55 -1.61 8.98
C LEU A 92 9.22 -2.23 7.77
N PHE A 93 9.84 -1.37 6.97
CA PHE A 93 10.53 -1.80 5.78
C PHE A 93 11.62 -2.84 6.09
N TRP A 94 12.43 -2.56 7.10
CA TRP A 94 13.45 -3.51 7.52
C TRP A 94 12.79 -4.81 7.90
N LEU A 95 11.71 -4.67 8.67
CA LEU A 95 11.02 -5.84 9.16
C LEU A 95 10.58 -6.72 8.01
N LEU A 96 9.93 -6.08 7.04
CA LEU A 96 9.40 -6.77 5.90
C LEU A 96 10.48 -7.48 5.09
N VAL A 97 11.62 -6.82 4.93
CA VAL A 97 12.66 -7.30 4.04
C VAL A 97 13.35 -8.50 4.60
N THR A 98 13.68 -8.31 5.87
CA THR A 98 14.48 -9.21 6.65
C THR A 98 13.75 -10.22 7.53
N GLY A 99 12.51 -9.97 7.94
CA GLY A 99 11.92 -10.89 8.90
C GLY A 99 12.24 -10.50 10.35
N GLN A 100 13.15 -9.56 10.55
CA GLN A 100 13.52 -9.18 11.90
C GLN A 100 13.14 -7.75 12.27
N ILE A 101 12.99 -7.52 13.59
CA ILE A 101 12.77 -6.20 14.18
C ILE A 101 14.08 -5.46 14.27
N PRO A 102 14.08 -4.31 13.62
CA PRO A 102 15.29 -3.55 13.50
C PRO A 102 15.56 -2.81 14.77
N THR A 103 16.82 -2.44 14.92
CA THR A 103 17.24 -1.62 16.02
C THR A 103 17.11 -0.16 15.58
N GLY A 104 17.10 0.75 16.55
CA GLY A 104 16.98 2.15 16.24
C GLY A 104 18.05 2.55 15.23
N ALA A 105 19.22 1.97 15.42
CA ALA A 105 20.35 2.30 14.58
C ALA A 105 20.18 1.79 13.15
N GLN A 106 19.52 0.61 12.98
CA GLN A 106 19.25 0.08 11.63
C GLN A 106 18.37 1.09 10.96
N VAL A 107 17.35 1.46 11.73
CA VAL A 107 16.33 2.35 11.29
C VAL A 107 16.89 3.68 10.85
N SER A 108 17.81 4.25 11.62
CA SER A 108 18.42 5.48 11.21
C SER A 108 19.05 5.34 9.85
N TRP A 109 19.70 4.18 9.63
CA TRP A 109 20.35 3.88 8.36
C TRP A 109 19.41 3.95 7.16
N LEU A 110 18.20 3.39 7.29
CA LEU A 110 17.23 3.48 6.19
C LEU A 110 16.92 4.92 5.90
N SER A 111 16.70 5.67 6.98
CA SER A 111 16.41 7.08 6.90
C SER A 111 17.46 7.80 6.07
N LYS A 112 18.72 7.67 6.48
CA LYS A 112 19.78 8.35 5.74
C LYS A 112 19.90 7.90 4.30
N GLU A 113 19.78 6.59 4.12
CA GLU A 113 19.83 5.98 2.82
C GLU A 113 18.75 6.50 1.90
N TRP A 114 17.53 6.58 2.42
CA TRP A 114 16.44 7.10 1.60
C TRP A 114 16.58 8.59 1.42
N ALA A 115 17.29 9.23 2.33
CA ALA A 115 17.49 10.64 2.07
C ALA A 115 18.56 10.88 1.01
N LYS A 116 19.62 10.07 1.02
CA LYS A 116 20.69 10.19 0.05
C LYS A 116 20.20 9.99 -1.37
N ARG A 117 19.25 9.07 -1.55
CA ARG A 117 18.84 8.60 -2.87
C ARG A 117 17.76 9.39 -3.57
N ALA A 118 17.18 10.37 -2.87
CA ALA A 118 16.00 11.12 -3.26
C ALA A 118 16.27 12.26 -4.20
N ALA A 119 16.20 11.96 -5.47
CA ALA A 119 16.53 12.92 -6.51
C ALA A 119 15.78 12.57 -7.75
N LEU A 120 15.27 13.63 -8.33
CA LEU A 120 14.40 13.56 -9.46
C LEU A 120 15.09 14.11 -10.68
N PRO A 121 15.01 13.32 -11.71
CA PRO A 121 15.56 13.67 -12.98
C PRO A 121 14.71 14.72 -13.66
N SER A 122 15.43 15.56 -14.34
CA SER A 122 14.86 16.63 -15.08
C SER A 122 13.64 16.30 -15.94
N HIS A 123 13.64 15.19 -16.63
CA HIS A 123 12.49 15.01 -17.48
C HIS A 123 11.22 14.76 -16.70
N VAL A 124 11.39 14.16 -15.53
CA VAL A 124 10.27 13.86 -14.67
C VAL A 124 9.65 15.16 -14.13
N VAL A 125 10.49 16.04 -13.59
CA VAL A 125 10.02 17.32 -13.08
C VAL A 125 9.26 18.10 -14.13
N THR A 126 9.81 18.07 -15.33
CA THR A 126 9.20 18.74 -16.43
C THR A 126 7.81 18.25 -16.71
N MET A 127 7.67 16.95 -16.81
CA MET A 127 6.40 16.37 -17.19
C MET A 127 5.32 16.70 -16.17
N LEU A 128 5.72 16.61 -14.92
CA LEU A 128 4.81 16.88 -13.80
C LEU A 128 4.39 18.36 -13.82
N ASP A 129 5.34 19.23 -14.13
CA ASP A 129 5.04 20.65 -14.22
C ASP A 129 4.08 20.99 -15.38
N ASN A 130 4.08 20.21 -16.46
CA ASN A 130 3.15 20.51 -17.56
C ASN A 130 1.81 19.83 -17.49
N PHE A 131 1.62 18.91 -16.54
CA PHE A 131 0.38 18.15 -16.46
C PHE A 131 -0.82 19.05 -16.24
N PRO A 132 -1.93 18.74 -16.85
CA PRO A 132 -3.14 19.50 -16.65
C PRO A 132 -3.63 19.33 -15.21
N THR A 133 -4.37 20.28 -14.65
CA THR A 133 -4.91 20.08 -13.30
C THR A 133 -6.15 19.17 -13.30
N ASN A 134 -6.68 18.80 -14.44
CA ASN A 134 -7.80 17.88 -14.37
C ASN A 134 -7.33 16.45 -14.50
N LEU A 135 -6.01 16.24 -14.58
CA LEU A 135 -5.46 14.89 -14.65
C LEU A 135 -5.35 14.41 -13.21
N HIS A 136 -6.00 13.30 -12.91
CA HIS A 136 -6.06 12.80 -11.56
C HIS A 136 -4.68 12.58 -10.96
N PRO A 137 -4.52 12.84 -9.66
CA PRO A 137 -3.25 12.69 -8.97
C PRO A 137 -2.63 11.28 -9.07
N MET A 138 -3.48 10.28 -9.16
CA MET A 138 -3.00 8.90 -9.27
C MET A 138 -2.38 8.65 -10.64
N SER A 139 -3.00 9.29 -11.65
CA SER A 139 -2.57 9.22 -13.06
C SER A 139 -1.28 9.94 -13.18
N GLN A 140 -1.25 11.11 -12.57
CA GLN A 140 -0.03 11.85 -12.53
C GLN A 140 1.07 11.02 -11.88
N LEU A 141 0.74 10.34 -10.80
CA LEU A 141 1.77 9.58 -10.10
C LEU A 141 2.31 8.43 -10.93
N SER A 142 1.39 7.61 -11.39
CA SER A 142 1.69 6.48 -12.21
C SER A 142 2.52 6.82 -13.47
N ALA A 143 2.15 7.85 -14.22
CA ALA A 143 2.92 8.25 -15.41
C ALA A 143 4.32 8.70 -15.04
N ALA A 144 4.41 9.48 -13.96
CA ALA A 144 5.71 9.86 -13.42
C ALA A 144 6.61 8.66 -13.09
N ILE A 145 6.11 7.65 -12.37
CA ILE A 145 6.98 6.54 -12.02
C ILE A 145 7.36 5.70 -13.22
N THR A 146 6.45 5.57 -14.17
CA THR A 146 6.78 4.91 -15.43
C THR A 146 7.93 5.66 -16.13
N ALA A 147 7.79 6.98 -16.24
CA ALA A 147 8.80 7.81 -16.86
C ALA A 147 10.17 7.75 -16.15
N LEU A 148 10.19 7.30 -14.89
CA LEU A 148 11.43 7.19 -14.12
C LEU A 148 12.27 5.97 -14.51
N ASN A 149 11.67 5.06 -15.28
CA ASN A 149 12.35 3.82 -15.61
C ASN A 149 13.65 4.00 -16.42
N SER A 150 13.73 5.19 -17.02
CA SER A 150 14.89 5.80 -17.66
C SER A 150 16.13 5.47 -16.85
N GLU A 151 15.88 5.48 -15.57
CA GLU A 151 16.95 5.45 -14.63
C GLU A 151 17.17 4.11 -14.01
N SER A 152 16.38 3.12 -14.42
CA SER A 152 16.44 1.78 -13.85
C SER A 152 17.82 1.10 -13.92
N ASN A 153 18.32 0.66 -12.76
CA ASN A 153 19.57 -0.06 -12.61
C ASN A 153 19.39 -1.50 -13.03
N PHE A 154 18.20 -2.02 -12.80
CA PHE A 154 17.89 -3.37 -13.22
C PHE A 154 17.74 -3.50 -14.74
N ALA A 155 16.99 -2.55 -15.35
CA ALA A 155 16.75 -2.47 -16.79
C ALA A 155 18.06 -2.37 -17.57
N ARG A 156 19.03 -1.70 -16.94
CA ARG A 156 20.37 -1.50 -17.47
C ARG A 156 21.26 -2.73 -17.33
N ALA A 157 21.23 -3.36 -16.18
CA ALA A 157 22.01 -4.55 -15.99
C ALA A 157 21.54 -5.70 -16.88
N TYR A 158 20.21 -5.83 -17.01
CA TYR A 158 19.55 -6.84 -17.84
C TYR A 158 20.01 -6.70 -19.28
N ALA A 159 19.92 -5.46 -19.77
CA ALA A 159 20.36 -5.08 -21.11
C ALA A 159 21.80 -5.44 -21.34
N GLU A 160 22.57 -5.35 -20.27
CA GLU A 160 23.95 -5.78 -20.28
C GLU A 160 24.13 -7.29 -20.22
N GLY A 161 23.11 -8.05 -19.88
CA GLY A 161 23.28 -9.49 -19.95
C GLY A 161 23.73 -10.15 -18.66
N ILE A 162 23.42 -9.55 -17.53
CA ILE A 162 23.79 -10.21 -16.28
C ILE A 162 23.15 -11.57 -16.13
N LEU A 163 23.85 -12.37 -15.38
CA LEU A 163 23.38 -13.65 -14.97
C LEU A 163 22.13 -13.50 -14.10
N ARG A 164 21.10 -14.32 -14.32
CA ARG A 164 19.85 -14.26 -13.53
C ARG A 164 20.09 -14.19 -12.06
N THR A 165 21.13 -14.89 -11.64
CA THR A 165 21.47 -15.03 -10.24
C THR A 165 21.63 -13.73 -9.44
N LYS A 166 22.04 -12.71 -10.15
CA LYS A 166 22.29 -11.42 -9.58
C LYS A 166 21.12 -10.45 -9.67
N TYR A 167 20.01 -10.88 -10.26
CA TYR A 167 18.86 -10.00 -10.44
C TYR A 167 18.48 -9.22 -9.18
N TRP A 168 18.31 -9.94 -8.08
CA TRP A 168 17.88 -9.37 -6.83
C TRP A 168 18.69 -8.14 -6.42
N GLU A 169 19.98 -8.19 -6.74
CA GLU A 169 20.88 -7.12 -6.38
C GLU A 169 20.53 -5.80 -6.96
N MET A 170 20.13 -5.79 -8.24
CA MET A 170 19.80 -4.60 -8.98
C MET A 170 18.35 -4.17 -8.68
N VAL A 171 17.52 -5.17 -8.38
CA VAL A 171 16.14 -4.94 -7.94
C VAL A 171 16.14 -4.15 -6.62
N TYR A 172 17.01 -4.57 -5.70
CA TYR A 172 17.19 -3.93 -4.42
C TYR A 172 17.58 -2.45 -4.57
N GLU A 173 18.57 -2.18 -5.43
CA GLU A 173 18.98 -0.81 -5.67
C GLU A 173 17.85 0.06 -6.18
N SER A 174 17.18 -0.42 -7.21
CA SER A 174 16.07 0.30 -7.81
C SER A 174 14.88 0.47 -6.86
N ALA A 175 14.63 -0.53 -5.99
CA ALA A 175 13.63 -0.41 -4.93
C ALA A 175 13.99 0.69 -3.92
N MET A 176 15.23 0.70 -3.46
CA MET A 176 15.62 1.71 -2.48
C MET A 176 15.54 3.10 -3.06
N ASP A 177 15.97 3.22 -4.32
CA ASP A 177 15.92 4.46 -5.07
C ASP A 177 14.51 4.94 -5.29
N LEU A 178 13.63 4.01 -5.65
CA LEU A 178 12.25 4.32 -5.95
C LEU A 178 11.52 4.78 -4.70
N ILE A 179 11.81 4.13 -3.57
CA ILE A 179 11.17 4.48 -2.31
C ILE A 179 11.61 5.86 -1.86
N ALA A 180 12.90 6.13 -2.05
CA ALA A 180 13.50 7.42 -1.80
C ALA A 180 12.86 8.57 -2.60
N LYS A 181 12.58 8.33 -3.88
CA LYS A 181 12.05 9.36 -4.76
C LYS A 181 10.57 9.64 -4.59
N LEU A 182 9.85 8.60 -4.22
CA LEU A 182 8.40 8.62 -4.14
C LEU A 182 7.82 9.88 -3.50
N PRO A 183 8.28 10.24 -2.31
CA PRO A 183 7.77 11.41 -1.63
C PRO A 183 8.00 12.71 -2.38
N CYS A 184 9.09 12.76 -3.14
CA CYS A 184 9.39 13.95 -3.92
C CYS A 184 8.38 14.09 -5.05
N VAL A 185 8.13 12.98 -5.73
CA VAL A 185 7.17 12.95 -6.82
C VAL A 185 5.79 13.31 -6.35
N ALA A 186 5.38 12.64 -5.26
CA ALA A 186 4.05 12.81 -4.68
C ALA A 186 3.81 14.24 -4.19
N ALA A 187 4.81 14.81 -3.53
CA ALA A 187 4.73 16.17 -3.02
C ALA A 187 4.73 17.20 -4.12
N LYS A 188 5.46 16.90 -5.19
CA LYS A 188 5.48 17.75 -6.34
C LYS A 188 4.10 17.82 -7.01
N ILE A 189 3.41 16.69 -7.07
CA ILE A 189 2.07 16.68 -7.57
C ILE A 189 1.19 17.53 -6.65
N TYR A 190 1.42 17.36 -5.35
CA TYR A 190 0.59 18.03 -4.35
C TYR A 190 0.62 19.54 -4.46
N ARG A 191 1.85 20.01 -4.58
CA ARG A 191 2.31 21.37 -4.63
C ARG A 191 1.83 22.00 -5.95
N ASN A 192 1.95 21.26 -7.04
CA ASN A 192 1.47 21.76 -8.32
C ASN A 192 -0.04 21.97 -8.37
N LEU A 193 -0.76 20.98 -7.89
CA LEU A 193 -2.21 21.03 -7.99
C LEU A 193 -2.83 22.00 -6.98
N TYR A 194 -2.33 21.95 -5.73
CA TYR A 194 -2.98 22.60 -4.60
C TYR A 194 -2.25 23.81 -4.05
N ARG A 195 -0.96 23.94 -4.38
CA ARG A 195 -0.17 25.07 -3.89
C ARG A 195 0.59 25.76 -4.99
N ALA A 196 -0.06 25.98 -6.14
CA ALA A 196 0.57 26.58 -7.31
C ALA A 196 1.59 27.70 -7.02
N GLY A 197 2.86 27.53 -7.46
CA GLY A 197 3.88 28.58 -7.38
C GLY A 197 4.95 28.41 -6.30
N SER A 198 4.64 27.48 -5.40
CA SER A 198 5.44 27.10 -4.24
C SER A 198 6.40 25.97 -4.63
N SER A 199 7.39 25.64 -3.81
CA SER A 199 8.36 24.62 -4.20
C SER A 199 8.53 23.55 -3.13
N ILE A 200 8.79 22.29 -3.51
CA ILE A 200 8.88 21.25 -2.50
C ILE A 200 10.08 21.41 -1.59
N GLY A 201 11.09 22.14 -2.03
CA GLY A 201 12.19 22.31 -1.12
C GLY A 201 13.11 21.09 -1.10
N ALA A 202 14.03 21.11 -0.16
CA ALA A 202 15.09 20.12 -0.05
C ALA A 202 14.78 19.05 0.98
N ILE A 203 15.39 17.88 0.79
CA ILE A 203 15.30 16.79 1.71
C ILE A 203 16.47 16.98 2.66
N ASP A 204 16.20 16.74 3.93
CA ASP A 204 17.17 16.90 4.97
C ASP A 204 17.49 15.54 5.48
N SER A 205 18.74 15.21 5.31
CA SER A 205 19.25 13.91 5.62
C SER A 205 19.01 13.52 7.04
N LYS A 206 18.79 14.52 7.86
CA LYS A 206 18.72 14.22 9.26
C LYS A 206 17.31 13.92 9.71
N LEU A 207 16.35 13.95 8.80
CA LEU A 207 15.01 13.61 9.24
C LEU A 207 14.60 12.24 8.73
N ASP A 208 13.54 11.69 9.34
CA ASP A 208 12.94 10.45 8.90
C ASP A 208 12.10 10.75 7.65
N TRP A 209 11.92 9.73 6.84
CA TRP A 209 11.24 9.79 5.57
C TRP A 209 9.90 10.52 5.62
N SER A 210 9.10 10.21 6.67
CA SER A 210 7.74 10.74 6.90
C SER A 210 7.70 12.25 7.12
N HIS A 211 8.63 12.69 7.96
CA HIS A 211 8.87 14.07 8.28
C HIS A 211 9.36 14.87 7.07
N ASN A 212 10.23 14.28 6.26
CA ASN A 212 10.66 15.00 5.05
C ASN A 212 9.47 15.15 4.13
N PHE A 213 8.61 14.13 4.14
CA PHE A 213 7.44 14.12 3.28
C PHE A 213 6.49 15.22 3.64
N THR A 214 6.14 15.25 4.93
CA THR A 214 5.27 16.28 5.48
C THR A 214 5.85 17.66 5.28
N ASN A 215 7.16 17.80 5.30
CA ASN A 215 7.71 19.10 5.04
C ASN A 215 7.47 19.50 3.60
N MET A 216 7.73 18.54 2.71
CA MET A 216 7.58 18.79 1.29
C MET A 216 6.12 19.08 0.95
N LEU A 217 5.21 18.47 1.74
CA LEU A 217 3.76 18.68 1.62
C LEU A 217 3.39 20.05 2.18
N GLY A 218 4.20 20.57 3.08
CA GLY A 218 3.90 21.88 3.60
C GLY A 218 3.16 21.84 4.91
N TYR A 219 3.19 20.71 5.59
CA TYR A 219 2.50 20.66 6.87
C TYR A 219 3.45 20.79 8.04
N THR A 220 3.07 21.62 9.00
CA THR A 220 3.91 21.85 10.16
C THR A 220 3.42 21.16 11.42
N ASP A 221 2.12 20.88 11.49
CA ASP A 221 1.59 20.28 12.70
C ASP A 221 2.32 19.03 13.10
N ALA A 222 2.87 19.16 14.29
CA ALA A 222 3.60 18.12 14.94
C ALA A 222 2.79 16.79 15.02
N GLN A 223 1.46 16.84 15.16
CA GLN A 223 0.65 15.61 15.18
C GLN A 223 0.38 15.05 13.81
N PHE A 224 0.39 15.94 12.82
CA PHE A 224 0.24 15.54 11.42
C PHE A 224 1.34 14.54 11.05
N THR A 225 2.58 14.86 11.48
CA THR A 225 3.78 14.04 11.28
C THR A 225 3.62 12.64 11.85
N GLU A 226 3.09 12.56 13.08
CA GLU A 226 2.76 11.30 13.75
C GLU A 226 1.73 10.51 12.98
N LEU A 227 0.69 11.21 12.53
CA LEU A 227 -0.33 10.63 11.69
C LEU A 227 0.32 10.02 10.44
N MET A 228 1.18 10.80 9.79
CA MET A 228 1.86 10.32 8.59
C MET A 228 2.63 9.01 8.77
N ARG A 229 3.44 8.95 9.83
CA ARG A 229 4.22 7.77 10.16
C ARG A 229 3.33 6.56 10.33
N LEU A 230 2.24 6.75 11.05
CA LEU A 230 1.33 5.65 11.28
C LEU A 230 0.70 5.21 9.97
N TYR A 231 0.26 6.19 9.19
CA TYR A 231 -0.43 5.95 7.95
C TYR A 231 0.41 5.15 6.95
N LEU A 232 1.62 5.63 6.75
CA LEU A 232 2.51 4.99 5.81
C LEU A 232 2.94 3.61 6.28
N THR A 233 2.92 3.39 7.58
CA THR A 233 3.26 2.09 8.11
C THR A 233 2.13 1.09 7.90
N ILE A 234 0.91 1.49 8.23
CA ILE A 234 -0.20 0.57 8.20
C ILE A 234 -0.67 0.24 6.81
N HIS A 235 -0.36 1.14 5.90
CA HIS A 235 -0.77 0.94 4.53
C HIS A 235 0.22 0.11 3.71
N SER A 236 1.41 -0.10 4.28
CA SER A 236 2.53 -0.89 3.79
C SER A 236 2.22 -2.00 2.81
N ASP A 237 1.59 -3.01 3.37
CA ASP A 237 1.40 -4.27 2.70
C ASP A 237 0.16 -4.96 3.19
N HIS A 238 -0.43 -5.76 2.34
CA HIS A 238 -1.62 -6.47 2.73
C HIS A 238 -1.64 -7.80 2.01
N GLU A 239 -0.59 -8.58 2.25
CA GLU A 239 -0.40 -9.83 1.55
C GLU A 239 -0.34 -9.64 0.03
N GLY A 240 -0.24 -10.74 -0.72
CA GLY A 240 0.05 -10.76 -2.15
C GLY A 240 -1.14 -10.70 -3.08
N GLY A 241 -2.28 -11.14 -2.57
CA GLY A 241 -3.47 -11.27 -3.40
C GLY A 241 -4.22 -9.98 -3.72
N ASN A 242 -3.88 -8.90 -3.04
CA ASN A 242 -4.59 -7.66 -3.28
C ASN A 242 -4.23 -7.10 -4.65
N VAL A 243 -5.14 -6.38 -5.28
CA VAL A 243 -4.93 -5.95 -6.65
C VAL A 243 -3.57 -5.31 -6.91
N SER A 244 -3.22 -4.30 -6.10
CA SER A 244 -1.97 -3.62 -6.31
C SER A 244 -0.73 -4.50 -6.14
N ALA A 245 -0.59 -5.16 -5.01
CA ALA A 245 0.53 -6.07 -4.83
C ALA A 245 0.55 -7.14 -5.91
N HIS A 246 -0.60 -7.74 -6.18
CA HIS A 246 -0.63 -8.81 -7.18
C HIS A 246 -0.16 -8.31 -8.54
N THR A 247 -0.59 -7.08 -8.92
CA THR A 247 -0.18 -6.50 -10.19
C THR A 247 1.32 -6.33 -10.27
N SER A 248 1.91 -5.80 -9.19
CA SER A 248 3.36 -5.63 -9.17
C SER A 248 4.04 -6.97 -9.34
N HIS A 249 3.46 -7.97 -8.68
CA HIS A 249 4.00 -9.32 -8.67
C HIS A 249 3.94 -9.93 -10.05
N LEU A 250 2.79 -9.83 -10.66
CA LEU A 250 2.60 -10.27 -12.01
C LEU A 250 3.55 -9.59 -13.01
N VAL A 251 3.64 -8.27 -12.95
CA VAL A 251 4.44 -7.52 -13.93
C VAL A 251 5.94 -7.74 -13.75
N GLY A 252 6.34 -7.78 -12.47
CA GLY A 252 7.70 -8.04 -12.05
C GLY A 252 8.19 -9.40 -12.51
N SER A 253 7.27 -10.37 -12.56
CA SER A 253 7.58 -11.75 -12.96
C SER A 253 8.09 -11.86 -14.39
N ALA A 254 7.71 -10.90 -15.22
CA ALA A 254 8.10 -10.83 -16.63
C ALA A 254 9.42 -10.09 -16.80
N LEU A 255 9.98 -9.71 -15.66
CA LEU A 255 11.24 -8.99 -15.56
C LEU A 255 11.20 -7.55 -16.01
N SER A 256 10.03 -6.93 -15.99
CA SER A 256 9.93 -5.49 -16.12
C SER A 256 10.55 -4.97 -14.85
N ASP A 257 11.28 -3.87 -14.94
CA ASP A 257 11.97 -3.32 -13.79
C ASP A 257 11.03 -2.90 -12.66
N PRO A 258 11.58 -2.57 -11.49
CA PRO A 258 10.75 -2.17 -10.34
C PRO A 258 9.89 -0.93 -10.53
N TYR A 259 10.35 -0.01 -11.38
CA TYR A 259 9.61 1.21 -11.70
C TYR A 259 8.34 0.88 -12.47
N LEU A 260 8.51 0.11 -13.54
CA LEU A 260 7.38 -0.27 -14.33
C LEU A 260 6.42 -1.11 -13.51
N SER A 261 6.92 -1.99 -12.67
CA SER A 261 5.96 -2.80 -11.97
C SER A 261 5.18 -2.03 -10.94
N PHE A 262 5.83 -1.04 -10.31
CA PHE A 262 5.18 -0.23 -9.30
C PHE A 262 4.09 0.62 -9.92
N ALA A 263 4.41 1.25 -11.05
CA ALA A 263 3.47 2.08 -11.79
C ALA A 263 2.19 1.31 -12.18
N ALA A 264 2.34 0.08 -12.67
CA ALA A 264 1.17 -0.75 -12.99
C ALA A 264 0.38 -1.03 -11.74
N ALA A 265 1.09 -1.24 -10.63
CA ALA A 265 0.45 -1.46 -9.33
C ALA A 265 -0.44 -0.27 -8.99
N MET A 266 0.07 0.91 -9.29
CA MET A 266 -0.69 2.12 -9.04
C MET A 266 -1.95 2.20 -9.90
N ASN A 267 -1.88 1.73 -11.12
CA ASN A 267 -3.06 1.80 -11.95
C ASN A 267 -4.18 0.95 -11.35
N GLY A 268 -3.74 -0.06 -10.61
CA GLY A 268 -4.59 -0.98 -9.88
C GLY A 268 -5.17 -0.35 -8.61
N LEU A 269 -4.31 0.31 -7.81
CA LEU A 269 -4.69 1.04 -6.58
C LEU A 269 -5.70 2.14 -6.89
N ALA A 270 -5.58 2.71 -8.08
CA ALA A 270 -6.48 3.75 -8.53
C ALA A 270 -7.90 3.25 -8.77
N GLY A 271 -8.17 1.94 -8.73
CA GLY A 271 -9.55 1.52 -9.02
C GLY A 271 -10.46 1.73 -7.79
N PRO A 272 -11.73 2.08 -7.99
CA PRO A 272 -12.67 2.37 -6.89
C PRO A 272 -12.89 1.23 -5.88
N LEU A 273 -12.74 0.00 -6.34
CA LEU A 273 -12.93 -1.14 -5.47
C LEU A 273 -11.66 -1.40 -4.69
N HIS A 274 -10.59 -0.70 -5.07
CA HIS A 274 -9.32 -0.86 -4.38
C HIS A 274 -8.98 0.41 -3.60
N GLY A 275 -7.78 0.96 -3.78
CA GLY A 275 -7.36 2.13 -3.02
C GLY A 275 -8.20 3.40 -3.20
N LEU A 276 -8.77 3.63 -4.38
CA LEU A 276 -9.51 4.85 -4.62
C LEU A 276 -10.66 5.03 -3.63
N ALA A 277 -10.97 3.93 -2.93
CA ALA A 277 -11.98 3.90 -1.87
C ALA A 277 -11.77 5.01 -0.86
N ASN A 278 -10.49 5.25 -0.60
CA ASN A 278 -9.96 6.39 0.11
C ASN A 278 -10.83 7.56 -0.05
N GLN A 279 -10.82 7.85 -1.33
CA GLN A 279 -11.32 9.08 -1.85
C GLN A 279 -12.82 9.03 -1.94
N GLU A 280 -13.29 7.86 -2.36
CA GLU A 280 -14.71 7.61 -2.54
C GLU A 280 -15.49 7.77 -1.25
N VAL A 281 -14.87 7.33 -0.17
CA VAL A 281 -15.46 7.47 1.17
C VAL A 281 -15.72 8.94 1.50
N LEU A 282 -14.69 9.79 1.38
CA LEU A 282 -14.86 11.20 1.70
C LEU A 282 -15.91 11.89 0.85
N GLY A 283 -15.91 11.56 -0.45
CA GLY A 283 -16.85 12.12 -1.41
C GLY A 283 -18.29 11.74 -1.07
N TRP A 284 -18.44 10.56 -0.53
CA TRP A 284 -19.72 10.06 -0.13
C TRP A 284 -20.17 10.69 1.18
N LEU A 285 -19.22 10.88 2.10
CA LEU A 285 -19.51 11.54 3.36
C LEU A 285 -19.90 12.97 3.06
N ALA A 286 -19.10 13.53 2.15
CA ALA A 286 -19.25 14.89 1.72
C ALA A 286 -20.64 15.19 1.13
N GLN A 287 -21.19 14.26 0.34
CA GLN A 287 -22.54 14.25 -0.22
C GLN A 287 -23.64 14.06 0.85
N LEU A 288 -23.36 13.08 1.74
CA LEU A 288 -24.22 12.71 2.84
C LEU A 288 -24.56 13.98 3.56
N GLN A 289 -23.55 14.59 4.12
CA GLN A 289 -23.71 15.84 4.84
C GLN A 289 -24.43 16.93 4.11
N LYS A 290 -24.37 16.90 2.79
CA LYS A 290 -24.93 17.96 2.00
C LYS A 290 -26.42 17.80 1.94
N ALA A 291 -26.75 16.55 1.74
CA ALA A 291 -28.11 16.17 1.66
C ALA A 291 -28.58 15.98 3.08
N ALA A 295 -25.29 16.70 11.21
CA ALA A 295 -25.96 16.14 12.37
C ALA A 295 -27.35 15.54 12.09
N GLY A 296 -27.32 14.34 11.47
CA GLY A 296 -28.50 13.55 11.09
C GLY A 296 -28.80 12.38 12.03
N ALA A 297 -30.06 11.93 11.96
CA ALA A 297 -30.71 10.81 12.66
C ALA A 297 -30.19 9.49 12.13
N ASP A 298 -30.21 8.41 12.92
CA ASP A 298 -29.82 7.12 12.36
C ASP A 298 -30.75 6.71 11.24
N ALA A 299 -32.02 7.07 11.38
CA ALA A 299 -33.02 6.76 10.38
C ALA A 299 -32.78 7.45 9.02
N SER A 300 -32.32 8.70 9.05
CA SER A 300 -32.07 9.42 7.81
C SER A 300 -30.74 8.93 7.21
N LEU A 301 -29.90 8.39 8.10
CA LEU A 301 -28.57 7.86 7.83
C LEU A 301 -28.78 6.52 7.14
N ARG A 302 -29.84 5.90 7.52
CA ARG A 302 -30.11 4.61 6.98
C ARG A 302 -30.78 4.69 5.61
N ASP A 303 -31.58 5.75 5.43
CA ASP A 303 -32.27 6.02 4.18
C ASP A 303 -31.26 6.27 3.08
N TYR A 304 -30.23 7.00 3.49
CA TYR A 304 -29.14 7.40 2.64
C TYR A 304 -28.35 6.22 2.10
N ILE A 305 -28.06 5.29 3.01
CA ILE A 305 -27.39 4.03 2.72
C ILE A 305 -28.21 3.20 1.75
N TRP A 306 -29.51 3.06 1.99
CA TRP A 306 -30.37 2.28 1.10
C TRP A 306 -30.43 2.84 -0.31
N ASN A 307 -30.43 4.14 -0.40
CA ASN A 307 -30.54 4.78 -1.67
C ASN A 307 -29.31 4.51 -2.55
N THR A 308 -28.15 4.41 -1.91
CA THR A 308 -26.91 4.06 -2.62
C THR A 308 -27.02 2.62 -3.08
N LEU A 309 -27.40 1.76 -2.15
CA LEU A 309 -27.56 0.36 -2.45
C LEU A 309 -28.59 0.12 -3.59
N ASN A 310 -29.74 0.79 -3.50
CA ASN A 310 -30.85 0.64 -4.46
C ASN A 310 -30.53 1.16 -5.83
N SER A 311 -29.49 1.99 -5.86
CA SER A 311 -29.04 2.64 -7.07
C SER A 311 -27.99 1.83 -7.80
N GLY A 312 -27.66 0.65 -7.28
CA GLY A 312 -26.67 -0.17 -7.93
C GLY A 312 -25.24 0.34 -7.69
N ARG A 313 -25.02 0.92 -6.51
CA ARG A 313 -23.72 1.44 -6.14
C ARG A 313 -23.18 0.76 -4.90
N VAL A 314 -21.88 0.87 -4.66
CA VAL A 314 -21.35 0.34 -3.44
C VAL A 314 -21.20 1.42 -2.39
N VAL A 315 -21.32 0.96 -1.16
CA VAL A 315 -20.98 1.76 -0.03
C VAL A 315 -19.48 1.61 0.15
N PRO A 316 -18.78 2.69 -0.13
CA PRO A 316 -17.33 2.68 -0.08
C PRO A 316 -16.78 2.46 1.32
N GLY A 317 -15.71 1.69 1.48
CA GLY A 317 -15.05 1.59 2.77
C GLY A 317 -15.54 0.46 3.68
N TYR A 318 -16.43 -0.36 3.13
CA TYR A 318 -17.08 -1.49 3.79
C TYR A 318 -16.96 -2.71 2.92
N GLY A 319 -16.74 -3.88 3.53
CA GLY A 319 -16.55 -5.10 2.78
C GLY A 319 -15.06 -5.37 2.58
N HIS A 320 -14.78 -6.58 2.14
CA HIS A 320 -13.42 -7.02 1.90
C HIS A 320 -13.45 -8.40 1.25
N ALA A 321 -12.51 -8.65 0.35
CA ALA A 321 -12.44 -9.95 -0.32
C ALA A 321 -12.05 -11.07 0.64
N VAL A 322 -11.25 -10.71 1.64
CA VAL A 322 -10.69 -11.75 2.48
C VAL A 322 -11.12 -11.57 3.93
N LEU A 323 -11.11 -10.32 4.40
CA LEU A 323 -11.50 -10.11 5.77
C LEU A 323 -12.94 -10.44 5.98
N ARG A 324 -13.20 -10.96 7.18
CA ARG A 324 -14.51 -11.37 7.65
C ARG A 324 -14.88 -10.66 8.94
N LYS A 325 -13.99 -9.78 9.38
CA LYS A 325 -14.19 -9.00 10.59
C LYS A 325 -13.74 -7.58 10.33
N THR A 326 -14.00 -6.70 11.28
CA THR A 326 -13.52 -5.35 11.15
C THR A 326 -12.02 -5.35 10.99
N ASP A 327 -11.55 -4.64 9.99
CA ASP A 327 -10.12 -4.49 9.72
C ASP A 327 -9.42 -3.82 10.91
N PRO A 328 -8.38 -4.48 11.44
CA PRO A 328 -7.56 -3.89 12.47
C PRO A 328 -6.93 -2.58 12.04
N ARG A 329 -6.86 -2.33 10.73
CA ARG A 329 -6.32 -1.08 10.23
C ARG A 329 -7.34 0.03 10.52
N TYR A 330 -8.61 -0.35 10.52
CA TYR A 330 -9.72 0.54 10.85
C TYR A 330 -9.66 0.88 12.35
N THR A 331 -9.53 -0.14 13.18
CA THR A 331 -9.45 0.06 14.63
C THR A 331 -8.29 0.95 15.04
N CYS A 332 -7.17 0.63 14.43
CA CYS A 332 -5.94 1.37 14.54
C CYS A 332 -6.18 2.85 14.33
N GLN A 333 -6.92 3.16 13.26
CA GLN A 333 -7.26 4.53 12.92
C GLN A 333 -8.23 5.15 13.89
N ARG A 334 -9.19 4.37 14.32
CA ARG A 334 -10.18 4.86 15.24
C ARG A 334 -9.57 5.26 16.57
N GLU A 335 -8.68 4.40 17.02
CA GLU A 335 -7.93 4.61 18.24
C GLU A 335 -7.07 5.88 18.17
N PHE A 336 -6.56 6.22 16.98
CA PHE A 336 -5.85 7.47 16.77
C PHE A 336 -6.79 8.68 16.90
N ALA A 337 -7.98 8.59 16.26
CA ALA A 337 -8.98 9.65 16.33
C ALA A 337 -9.46 9.90 17.76
N LEU A 338 -9.79 8.80 18.44
CA LEU A 338 -10.22 8.87 19.81
C LEU A 338 -9.20 9.60 20.66
N LYS A 339 -7.91 9.44 20.36
CA LYS A 339 -6.88 10.12 21.15
C LYS A 339 -6.79 11.60 20.85
N HIS A 340 -6.76 11.89 19.54
CA HIS A 340 -6.41 13.18 18.95
C HIS A 340 -7.52 14.07 18.43
N LEU A 341 -8.58 13.51 17.90
CA LEU A 341 -9.58 14.37 17.32
C LEU A 341 -10.99 13.85 17.63
N PRO A 342 -11.22 13.61 18.91
CA PRO A 342 -12.46 12.97 19.28
C PRO A 342 -13.76 13.74 19.03
N GLY A 343 -13.71 15.08 18.99
CA GLY A 343 -14.92 15.90 18.81
C GLY A 343 -15.20 16.28 17.37
N ASP A 344 -14.32 15.84 16.48
CA ASP A 344 -14.49 16.15 15.08
C ASP A 344 -15.79 15.56 14.55
N PRO A 345 -16.64 16.43 14.03
CA PRO A 345 -17.92 16.06 13.48
C PRO A 345 -17.78 15.05 12.34
N MET A 346 -16.75 15.14 11.47
CA MET A 346 -16.56 14.12 10.44
C MET A 346 -16.31 12.78 11.10
N PHE A 347 -15.49 12.82 12.16
CA PHE A 347 -15.12 11.64 12.93
C PHE A 347 -16.34 10.99 13.56
N LYS A 348 -17.17 11.86 14.14
CA LYS A 348 -18.43 11.47 14.74
C LYS A 348 -19.36 10.80 13.74
N LEU A 349 -19.43 11.33 12.53
CA LEU A 349 -20.21 10.73 11.45
C LEU A 349 -19.69 9.33 11.11
N VAL A 350 -18.37 9.22 10.97
CA VAL A 350 -17.73 7.94 10.73
C VAL A 350 -17.96 7.00 11.92
N ALA A 351 -17.98 7.53 13.15
CA ALA A 351 -18.28 6.63 14.25
C ALA A 351 -19.71 6.10 14.18
N GLN A 352 -20.62 6.99 13.75
CA GLN A 352 -22.05 6.71 13.68
C GLN A 352 -22.39 5.69 12.62
N LEU A 353 -21.67 5.80 11.52
CA LEU A 353 -21.84 4.95 10.37
C LEU A 353 -21.51 3.50 10.73
N TYR A 354 -20.47 3.35 11.56
CA TYR A 354 -20.02 2.05 12.03
C TYR A 354 -21.14 1.35 12.79
N LYS A 355 -22.02 2.15 13.36
CA LYS A 355 -23.17 1.61 14.02
C LYS A 355 -24.29 1.25 13.08
N ILE A 356 -24.31 1.87 11.91
CA ILE A 356 -25.40 1.65 11.00
C ILE A 356 -25.10 0.75 9.79
N VAL A 357 -24.13 1.15 8.98
CA VAL A 357 -23.77 0.45 7.75
C VAL A 357 -23.81 -1.09 7.79
N PRO A 358 -23.03 -1.69 8.69
CA PRO A 358 -22.94 -3.12 8.70
C PRO A 358 -24.28 -3.78 8.90
N ASN A 359 -25.10 -3.14 9.74
CA ASN A 359 -26.45 -3.58 10.01
C ASN A 359 -27.32 -3.53 8.73
N VAL A 360 -27.18 -2.44 7.99
CA VAL A 360 -27.86 -2.28 6.72
C VAL A 360 -27.33 -3.29 5.70
N LEU A 361 -26.01 -3.51 5.74
CA LEU A 361 -25.36 -4.47 4.87
C LEU A 361 -25.77 -5.91 5.22
N LEU A 362 -26.01 -6.18 6.51
CA LEU A 362 -26.49 -7.48 6.94
C LEU A 362 -27.94 -7.66 6.46
N GLU A 363 -28.69 -6.57 6.56
CA GLU A 363 -30.06 -6.56 6.13
C GLU A 363 -30.15 -6.87 4.64
N GLN A 364 -29.38 -6.17 3.86
CA GLN A 364 -29.39 -6.40 2.43
C GLN A 364 -29.08 -7.84 1.99
N GLY A 365 -28.26 -8.56 2.77
CA GLY A 365 -27.89 -9.95 2.52
C GLY A 365 -27.00 -10.26 1.29
N ALA A 366 -26.20 -9.29 0.82
CA ALA A 366 -25.26 -9.51 -0.29
C ALA A 366 -23.78 -9.57 0.12
N ALA A 367 -23.30 -8.55 0.86
CA ALA A 367 -21.91 -8.49 1.32
C ALA A 367 -21.56 -9.69 2.18
N ALA A 368 -20.48 -10.37 1.85
CA ALA A 368 -20.08 -11.46 2.68
C ALA A 368 -19.37 -10.91 3.92
N ASN A 369 -18.77 -9.73 3.82
CA ASN A 369 -18.20 -9.12 5.00
C ASN A 369 -18.80 -7.74 5.21
N PRO A 370 -19.65 -7.55 6.20
CA PRO A 370 -20.34 -6.27 6.31
C PRO A 370 -19.59 -5.15 7.03
N TRP A 371 -18.39 -5.45 7.53
CA TRP A 371 -17.57 -4.57 8.36
C TRP A 371 -16.68 -3.62 7.55
N PRO A 372 -16.24 -2.51 8.17
CA PRO A 372 -15.42 -1.53 7.45
C PRO A 372 -13.99 -2.03 7.21
N ASN A 373 -13.35 -1.46 6.18
CA ASN A 373 -11.96 -1.74 5.89
C ASN A 373 -11.18 -0.45 6.10
N VAL A 374 -9.86 -0.49 5.91
CA VAL A 374 -9.01 0.65 6.16
C VAL A 374 -9.51 1.96 5.58
N ASP A 375 -10.12 1.86 4.40
CA ASP A 375 -10.46 3.05 3.66
C ASP A 375 -11.60 3.83 4.24
N ALA A 376 -12.37 3.16 5.10
CA ALA A 376 -13.50 3.84 5.71
C ALA A 376 -13.04 4.85 6.74
N HIS A 377 -11.78 4.72 7.21
CA HIS A 377 -11.34 5.58 8.29
C HIS A 377 -10.23 6.60 8.02
N SER A 378 -9.49 6.38 6.95
CA SER A 378 -8.31 7.17 6.65
C SER A 378 -8.55 8.62 6.26
N GLY A 379 -9.49 8.88 5.37
CA GLY A 379 -9.67 10.27 4.97
C GLY A 379 -10.03 11.24 6.11
N VAL A 380 -10.84 10.77 7.05
CA VAL A 380 -11.35 11.62 8.12
C VAL A 380 -10.22 12.19 8.92
N LEU A 381 -9.22 11.34 9.11
CA LEU A 381 -7.99 11.71 9.78
C LEU A 381 -7.25 12.86 9.08
N LEU A 382 -7.15 12.77 7.74
CA LEU A 382 -6.45 13.71 6.88
C LEU A 382 -7.06 15.11 6.84
N GLN A 383 -8.38 15.13 6.62
CA GLN A 383 -9.29 16.27 6.58
C GLN A 383 -9.16 17.13 7.84
N TYR A 384 -9.07 16.47 9.00
CA TYR A 384 -8.88 17.11 10.30
C TYR A 384 -7.62 17.96 10.33
N TYR A 385 -6.54 17.38 9.85
CA TYR A 385 -5.33 18.13 9.79
C TYR A 385 -5.25 19.16 8.66
N GLY A 386 -6.29 19.41 7.86
CA GLY A 386 -6.13 20.47 6.84
C GLY A 386 -5.95 19.97 5.42
N MET A 387 -5.63 18.68 5.31
CA MET A 387 -5.49 18.04 4.03
C MET A 387 -6.83 17.61 3.52
N THR A 388 -7.55 18.53 2.97
CA THR A 388 -8.88 18.21 2.58
C THR A 388 -9.04 17.90 1.08
N GLU A 389 -7.95 17.79 0.31
CA GLU A 389 -8.13 17.52 -1.11
C GLU A 389 -8.24 16.02 -1.34
N MET A 390 -9.47 15.51 -1.25
CA MET A 390 -9.80 14.08 -1.31
C MET A 390 -9.30 13.35 -2.53
N ASN A 391 -9.25 13.98 -3.68
CA ASN A 391 -8.78 13.25 -4.84
C ASN A 391 -7.30 12.89 -4.70
N TYR A 392 -6.65 13.32 -3.61
CA TYR A 392 -5.21 13.10 -3.45
C TYR A 392 -4.85 11.92 -2.54
N TYR A 393 -5.80 11.53 -1.71
CA TYR A 393 -5.60 10.53 -0.67
C TYR A 393 -4.95 9.20 -1.10
N THR A 394 -5.35 8.75 -2.28
CA THR A 394 -4.86 7.51 -2.83
C THR A 394 -3.38 7.55 -3.15
N VAL A 395 -2.89 8.78 -3.36
CA VAL A 395 -1.47 9.04 -3.58
C VAL A 395 -0.69 8.66 -2.35
N LEU A 396 -1.23 9.04 -1.19
CA LEU A 396 -0.62 8.69 0.06
C LEU A 396 -0.60 7.18 0.22
N PHE A 397 -1.73 6.51 -0.09
CA PHE A 397 -1.85 5.05 -0.03
C PHE A 397 -0.75 4.42 -0.89
N GLY A 398 -0.60 5.01 -2.09
CA GLY A 398 0.38 4.70 -3.10
C GLY A 398 1.79 4.72 -2.56
N VAL A 399 2.14 5.78 -1.84
CA VAL A 399 3.47 5.92 -1.28
C VAL A 399 3.85 4.84 -0.25
N SER A 400 2.88 4.51 0.57
CA SER A 400 3.05 3.52 1.61
C SER A 400 3.25 2.11 1.06
N ARG A 401 2.36 1.76 0.10
CA ARG A 401 2.24 0.48 -0.56
C ARG A 401 3.53 0.05 -1.24
N ALA A 402 4.31 1.05 -1.69
CA ALA A 402 5.65 0.80 -2.23
C ALA A 402 6.47 -0.03 -1.25
N LEU A 403 6.30 0.24 0.04
CA LEU A 403 7.07 -0.46 1.06
C LEU A 403 6.90 -1.97 1.02
N GLY A 404 5.67 -2.44 0.86
CA GLY A 404 5.46 -3.88 0.93
C GLY A 404 5.72 -4.53 -0.39
N VAL A 405 5.27 -3.87 -1.42
CA VAL A 405 5.41 -4.44 -2.74
C VAL A 405 6.85 -4.51 -3.22
N LEU A 406 7.66 -3.53 -2.83
CA LEU A 406 9.05 -3.55 -3.22
C LEU A 406 9.87 -4.51 -2.35
N ALA A 407 9.47 -4.65 -1.08
CA ALA A 407 10.15 -5.54 -0.18
C ALA A 407 10.01 -6.98 -0.69
N GLN A 408 8.80 -7.34 -1.12
CA GLN A 408 8.57 -8.65 -1.70
C GLN A 408 9.27 -8.82 -3.04
N LEU A 409 9.18 -7.78 -3.86
CA LEU A 409 9.73 -7.82 -5.20
C LEU A 409 11.15 -8.30 -5.19
N ILE A 410 11.89 -7.80 -4.23
CA ILE A 410 13.27 -8.20 -4.05
C ILE A 410 13.41 -9.71 -3.78
N TRP A 411 12.54 -10.26 -2.93
CA TRP A 411 12.53 -11.69 -2.59
C TRP A 411 12.17 -12.59 -3.78
N SER A 412 11.17 -12.18 -4.56
CA SER A 412 10.70 -12.92 -5.74
C SER A 412 11.83 -13.31 -6.69
N ARG A 413 12.59 -12.26 -7.01
CA ARG A 413 13.77 -12.26 -7.81
C ARG A 413 14.91 -13.01 -7.06
N ALA A 414 15.08 -12.79 -5.74
CA ALA A 414 16.09 -13.57 -5.01
C ALA A 414 15.82 -15.09 -5.06
N LEU A 415 14.56 -15.42 -4.91
CA LEU A 415 14.11 -16.79 -4.92
C LEU A 415 13.95 -17.36 -6.32
N GLY A 416 14.16 -16.54 -7.34
CA GLY A 416 14.00 -16.95 -8.72
C GLY A 416 12.57 -17.34 -9.09
N PHE A 417 11.52 -16.66 -8.56
CA PHE A 417 10.13 -16.98 -8.97
C PHE A 417 9.99 -16.67 -10.45
N PRO A 418 9.38 -17.61 -11.19
CA PRO A 418 9.20 -17.54 -12.64
C PRO A 418 8.03 -16.67 -13.06
N LEU A 419 7.84 -16.65 -14.37
CA LEU A 419 6.75 -15.95 -14.97
C LEU A 419 5.40 -16.37 -14.41
N GLU A 420 4.57 -15.41 -14.00
CA GLU A 420 3.24 -15.78 -13.55
C GLU A 420 2.40 -15.99 -14.78
N ARG A 421 1.93 -17.20 -15.04
CA ARG A 421 1.20 -17.48 -16.26
C ARG A 421 0.23 -18.64 -16.06
N PRO A 422 -0.94 -18.32 -15.50
CA PRO A 422 -1.96 -19.33 -15.26
C PRO A 422 -2.67 -19.69 -16.56
N LYS A 423 -3.53 -20.69 -16.52
CA LYS A 423 -4.29 -21.09 -17.69
C LYS A 423 -5.67 -20.44 -17.62
N SER A 424 -6.20 -19.99 -18.75
CA SER A 424 -7.54 -19.41 -18.74
C SER A 424 -8.46 -20.30 -19.54
N MET A 425 -9.74 -20.06 -19.45
CA MET A 425 -10.69 -20.90 -20.13
C MET A 425 -11.80 -20.01 -20.54
N SER A 426 -12.54 -20.42 -21.57
CA SER A 426 -13.71 -19.68 -21.93
C SER A 426 -14.87 -20.45 -21.32
N THR A 427 -16.04 -19.82 -21.29
CA THR A 427 -17.23 -20.45 -20.83
C THR A 427 -17.60 -21.69 -21.66
N ASP A 428 -17.45 -21.59 -22.97
CA ASP A 428 -17.75 -22.72 -23.82
C ASP A 428 -16.85 -23.90 -23.47
N GLY A 429 -15.57 -23.61 -23.29
CA GLY A 429 -14.58 -24.61 -22.94
C GLY A 429 -14.79 -25.23 -21.56
N LEU A 430 -15.16 -24.41 -20.60
CA LEU A 430 -15.50 -24.94 -19.30
C LEU A 430 -16.76 -25.79 -19.42
N ILE A 431 -17.79 -25.24 -20.14
CA ILE A 431 -19.06 -25.91 -20.41
C ILE A 431 -18.75 -27.34 -20.86
N ALA A 432 -17.86 -27.42 -21.87
CA ALA A 432 -17.32 -28.69 -22.38
C ALA A 432 -16.45 -29.56 -21.45
N LEU A 433 -15.78 -29.01 -20.44
CA LEU A 433 -14.91 -29.75 -19.53
C LEU A 433 -15.58 -30.79 -18.62
O1 OAA B . -6.52 -7.03 0.74
O2 OAA B . -7.73 -7.11 -1.13
O4 OAA B . -4.73 -3.94 -0.33
O5 OAA B . -4.84 -2.84 1.56
O3 OAA B . -7.23 -4.20 2.04
C1 OAA B . -7.13 -6.45 -0.22
C2 OAA B . -7.24 -4.94 -0.25
C3 OAA B . -6.69 -4.22 0.95
C4 OAA B . -5.33 -3.61 0.73
N1A CMC C . -21.51 -1.99 -0.82
C2A CMC C . -22.52 -2.63 -1.47
N3A CMC C . -22.48 -3.86 -1.93
C4A CMC C . -21.39 -4.54 -1.54
C5A CMC C . -20.31 -4.06 -0.78
C6A CMC C . -20.37 -2.63 -0.44
N6A CMC C . -19.48 -2.02 0.31
N7A CMC C . -19.39 -5.02 -0.54
C8A CMC C . -19.87 -6.13 -1.10
N9A CMC C . -21.09 -5.89 -1.74
C1B CMC C . -21.76 -6.80 -2.74
C2B CMC C . -20.82 -7.21 -3.83
O2B CMC C . -20.44 -6.15 -4.69
C3B CMC C . -21.71 -8.33 -4.47
O3B CMC C . -22.77 -7.90 -5.25
P3B CMC C . -23.18 -8.70 -6.72
O7A CMC C . -24.51 -8.21 -7.49
O8A CMC C . -21.94 -8.20 -7.61
O9A CMC C . -23.13 -10.27 -6.42
C4B CMC C . -22.00 -9.15 -3.18
O4B CMC C . -22.07 -8.08 -2.13
C5B CMC C . -21.07 -10.26 -2.68
O5B CMC C . -19.73 -9.67 -2.69
P1A CMC C . -18.60 -9.94 -1.56
O1A CMC C . -19.06 -9.47 -0.19
O2A CMC C . -18.09 -11.34 -1.69
O3A CMC C . -17.44 -9.06 -2.12
P2A CMC C . -16.14 -9.26 -3.10
O4A CMC C . -15.11 -10.16 -2.38
O5A CMC C . -16.55 -9.68 -4.53
O6A CMC C . -15.59 -7.69 -3.08
CBP CMC C . -14.91 -5.61 -2.07
CCP CMC C . -14.84 -7.16 -1.99
CDP CMC C . -13.94 -4.84 -1.16
CEP CMC C . -14.56 -5.39 -3.55
CAP CMC C . -16.36 -5.17 -1.78
OAP CMC C . -16.75 -5.45 -0.45
C9P CMC C . -16.69 -3.68 -2.23
O9P CMC C . -17.01 -3.45 -3.40
N8P CMC C . -16.52 -2.75 -1.28
C7P CMC C . -16.69 -1.30 -1.52
C6P CMC C . -15.41 -0.72 -2.10
C5P CMC C . -14.35 -0.73 -1.03
O5P CMC C . -14.55 -0.18 0.09
N4P CMC C . -13.20 -1.25 -1.38
C3P CMC C . -11.98 -1.30 -0.47
C2P CMC C . -11.51 -2.75 -0.15
S1P CMC C . -10.32 -2.97 1.20
C1 CMC C . -8.97 -1.77 1.24
C2 CMC C . -8.43 -1.44 -0.14
O21 CMC C . -8.36 -2.40 -0.89
O22 CMC C . -8.11 -0.23 -0.50
#